data_8ZM8
#
_entry.id   8ZM8
#
_cell.length_a   142.067
_cell.length_b   142.067
_cell.length_c   134.141
_cell.angle_alpha   90.00
_cell.angle_beta   90.00
_cell.angle_gamma   120.00
#
_symmetry.space_group_name_H-M   'P 61 2 2'
#
loop_
_entity.id
_entity.type
_entity.pdbx_description
1 polymer BRD4_HUMAN
2 non-polymer 2-[2-ethyl-4-(methoxymethyl)-1~{H}-imidazol-5-yl]-7-[2-(4-fluoranyl-2,6-dimethyl-phenoxy)-5-(2-oxidanylpropan-2-yl)phenyl]-5-methyl-furo[3,2-c]pyridin-4-one
3 water water
#
_entity_poly.entity_id   1
_entity_poly.type   'polypeptide(L)'
_entity_poly.pdbx_seq_one_letter_code
;MKKGHHHHHHLVPRGSNPPPPETSNPNKPKRQTNQLQYLLRVVLKTLWKHQFAWPFQQPVDAVKLNLPDYYKIIKTPMDM
GTIKKRLENNYYWNAQECIQDFNTMFTNCYIYNKPGDDIVLMAEALEKLFLQKINELPTEE
;
_entity_poly.pdbx_strand_id   A,B,C
#
loop_
_chem_comp.id
_chem_comp.type
_chem_comp.name
_chem_comp.formula
A1L1X non-polymer 2-[2-ethyl-4-(methoxymethyl)-1~{H}-imidazol-5-yl]-7-[2-(4-fluoranyl-2,6-dimethyl-phenoxy)-5-(2-oxidanylpropan-2-yl)phenyl]-5-methyl-furo[3,2-c]pyridin-4-one 'C32 H34 F N3 O5'
#
# COMPACT_ATOMS: atom_id res chain seq x y z
N THR A 33 -11.94 -11.91 -21.31
CA THR A 33 -13.42 -12.08 -21.17
C THR A 33 -13.78 -12.74 -19.82
N ASN A 34 -12.84 -13.41 -19.14
CA ASN A 34 -13.07 -13.89 -17.75
C ASN A 34 -13.37 -12.66 -16.90
N GLN A 35 -14.51 -12.68 -16.20
CA GLN A 35 -15.14 -11.47 -15.61
C GLN A 35 -14.39 -11.10 -14.32
N LEU A 36 -14.03 -12.10 -13.50
CA LEU A 36 -13.25 -11.90 -12.25
C LEU A 36 -11.91 -11.24 -12.58
N GLN A 37 -11.19 -11.77 -13.58
CA GLN A 37 -9.97 -11.13 -14.15
C GLN A 37 -10.24 -9.64 -14.45
N TYR A 38 -11.37 -9.32 -15.10
CA TYR A 38 -11.76 -7.94 -15.49
C TYR A 38 -11.99 -7.08 -14.24
N LEU A 39 -12.68 -7.64 -13.25
CA LEU A 39 -12.99 -6.95 -11.97
C LEU A 39 -11.68 -6.53 -11.29
N LEU A 40 -10.66 -7.39 -11.33
CA LEU A 40 -9.33 -7.15 -10.70
C LEU A 40 -8.54 -6.11 -11.50
N ARG A 41 -8.26 -6.41 -12.77
CA ARG A 41 -7.25 -5.66 -13.57
C ARG A 41 -7.79 -4.31 -14.02
N VAL A 42 -9.12 -4.13 -14.05
CA VAL A 42 -9.79 -2.95 -14.69
C VAL A 42 -10.71 -2.25 -13.68
N VAL A 43 -11.71 -2.94 -13.13
CA VAL A 43 -12.73 -2.29 -12.26
C VAL A 43 -12.06 -1.82 -10.97
N LEU A 44 -11.45 -2.76 -10.22
CA LEU A 44 -10.80 -2.51 -8.91
C LEU A 44 -9.61 -1.58 -9.12
N LYS A 45 -8.83 -1.75 -10.20
CA LYS A 45 -7.71 -0.84 -10.49
C LYS A 45 -8.23 0.60 -10.54
N THR A 46 -9.27 0.87 -11.33
CA THR A 46 -9.81 2.24 -11.57
C THR A 46 -10.30 2.85 -10.27
N LEU A 47 -11.03 2.08 -9.45
CA LEU A 47 -11.64 2.55 -8.18
C LEU A 47 -10.56 2.81 -7.13
N TRP A 48 -9.53 1.96 -7.07
CA TRP A 48 -8.40 2.08 -6.13
C TRP A 48 -7.61 3.37 -6.39
N LYS A 49 -7.36 3.69 -7.67
CA LYS A 49 -6.68 4.92 -8.17
C LYS A 49 -7.42 6.18 -7.71
N HIS A 50 -8.75 6.11 -7.64
CA HIS A 50 -9.66 7.27 -7.53
C HIS A 50 -9.35 8.10 -6.29
N GLN A 51 -9.63 9.41 -6.38
CA GLN A 51 -9.33 10.46 -5.37
C GLN A 51 -9.95 10.09 -4.02
N PHE A 52 -11.13 9.46 -4.04
CA PHE A 52 -11.98 9.22 -2.85
C PHE A 52 -11.89 7.77 -2.36
N ALA A 53 -10.93 6.99 -2.85
CA ALA A 53 -10.81 5.55 -2.53
C ALA A 53 -10.39 5.34 -1.06
N TRP A 54 -9.53 6.20 -0.52
CA TRP A 54 -8.70 5.88 0.69
C TRP A 54 -9.53 5.44 1.90
N PRO A 55 -10.77 5.93 2.13
CA PRO A 55 -11.55 5.49 3.30
C PRO A 55 -12.14 4.08 3.14
N PHE A 56 -12.00 3.53 1.92
CA PHE A 56 -12.61 2.24 1.47
C PHE A 56 -11.52 1.22 1.11
N GLN A 57 -10.24 1.56 1.29
CA GLN A 57 -9.11 0.67 0.91
C GLN A 57 -8.82 -0.32 2.06
N GLN A 58 -9.46 -0.12 3.21
CA GLN A 58 -9.28 -0.98 4.41
C GLN A 58 -10.59 -0.98 5.20
N PRO A 59 -10.83 -2.05 6.00
CA PRO A 59 -12.00 -2.11 6.86
C PRO A 59 -12.12 -0.90 7.80
N VAL A 60 -13.34 -0.51 8.12
CA VAL A 60 -13.61 0.56 9.12
C VAL A 60 -13.21 0.00 10.48
N ASP A 61 -12.06 0.46 11.02
CA ASP A 61 -11.58 0.08 12.37
C ASP A 61 -12.41 0.89 13.38
N ALA A 62 -13.41 0.24 13.98
CA ALA A 62 -14.46 0.88 14.81
C ALA A 62 -13.85 1.37 16.13
N VAL A 63 -12.87 0.66 16.65
CA VAL A 63 -12.23 1.08 17.88
C VAL A 63 -11.47 2.39 17.68
N LYS A 64 -10.49 2.37 16.80
CA LYS A 64 -9.65 3.57 16.53
C LYS A 64 -10.52 4.83 16.35
N LEU A 65 -11.65 4.74 15.64
CA LEU A 65 -12.49 5.91 15.26
C LEU A 65 -13.58 6.14 16.32
N ASN A 66 -13.69 5.24 17.30
CA ASN A 66 -14.62 5.35 18.45
C ASN A 66 -16.07 5.21 17.94
N LEU A 67 -16.33 4.10 17.24
CA LEU A 67 -17.66 3.70 16.71
C LEU A 67 -18.10 2.43 17.41
N PRO A 68 -18.78 2.53 18.58
CA PRO A 68 -19.17 1.35 19.32
C PRO A 68 -20.31 0.57 18.63
N ASP A 69 -21.14 1.28 17.87
CA ASP A 69 -22.46 0.80 17.33
C ASP A 69 -22.32 0.33 15.87
N TYR A 70 -21.14 0.42 15.26
CA TYR A 70 -20.89 0.11 13.83
C TYR A 70 -21.11 -1.37 13.53
N TYR A 71 -20.38 -2.26 14.20
CA TYR A 71 -20.44 -3.72 13.94
C TYR A 71 -21.79 -4.27 14.40
N LYS A 72 -22.57 -3.50 15.18
CA LYS A 72 -23.97 -3.86 15.55
C LYS A 72 -24.91 -3.53 14.38
N ILE A 73 -24.83 -2.31 13.85
CA ILE A 73 -25.68 -1.81 12.73
C ILE A 73 -25.33 -2.49 11.41
N ILE A 74 -24.05 -2.66 11.09
CA ILE A 74 -23.57 -3.18 9.77
C ILE A 74 -23.25 -4.68 9.89
N LYS A 75 -24.06 -5.52 9.28
CA LYS A 75 -24.02 -6.98 9.54
C LYS A 75 -22.89 -7.64 8.74
N THR A 76 -22.68 -7.28 7.47
CA THR A 76 -21.55 -7.79 6.64
C THR A 76 -20.71 -6.60 6.16
N PRO A 77 -19.71 -6.15 6.96
CA PRO A 77 -18.79 -5.11 6.54
C PRO A 77 -18.04 -5.44 5.25
N MET A 78 -17.63 -4.40 4.51
CA MET A 78 -16.90 -4.58 3.22
C MET A 78 -16.08 -3.33 2.90
N ASP A 79 -14.97 -3.59 2.21
CA ASP A 79 -13.97 -2.58 1.79
C ASP A 79 -13.24 -3.15 0.58
N MET A 80 -12.68 -2.27 -0.25
CA MET A 80 -11.98 -2.66 -1.49
C MET A 80 -10.74 -3.49 -1.13
N GLY A 81 -10.16 -3.27 0.05
CA GLY A 81 -9.05 -4.09 0.58
C GLY A 81 -9.41 -5.56 0.59
N THR A 82 -10.53 -5.92 1.19
CA THR A 82 -11.01 -7.31 1.32
C THR A 82 -11.41 -7.86 -0.05
N ILE A 83 -12.07 -7.06 -0.88
CA ILE A 83 -12.48 -7.50 -2.25
C ILE A 83 -11.21 -7.87 -3.01
N LYS A 84 -10.20 -6.99 -2.96
CA LYS A 84 -8.87 -7.14 -3.60
C LYS A 84 -8.33 -8.53 -3.24
N LYS A 85 -8.23 -8.80 -1.94
CA LYS A 85 -7.71 -10.07 -1.36
C LYS A 85 -8.51 -11.22 -1.98
N ARG A 86 -9.84 -11.16 -1.90
CA ARG A 86 -10.76 -12.24 -2.34
C ARG A 86 -10.56 -12.53 -3.83
N LEU A 87 -10.29 -11.50 -4.65
CA LEU A 87 -10.04 -11.69 -6.10
C LEU A 87 -8.67 -12.36 -6.28
N GLU A 88 -7.67 -11.89 -5.55
CA GLU A 88 -6.27 -12.42 -5.58
C GLU A 88 -6.27 -13.87 -5.06
N ASN A 89 -7.14 -14.22 -4.11
CA ASN A 89 -7.04 -15.52 -3.40
C ASN A 89 -8.28 -16.38 -3.67
N ASN A 90 -8.79 -16.27 -4.91
CA ASN A 90 -9.60 -17.30 -5.63
C ASN A 90 -10.68 -17.80 -4.68
N TYR A 91 -11.46 -16.86 -4.15
CA TYR A 91 -12.47 -17.00 -3.07
C TYR A 91 -13.87 -17.00 -3.65
N TYR A 92 -14.14 -16.02 -4.53
CA TYR A 92 -15.43 -15.80 -5.24
C TYR A 92 -15.71 -16.96 -6.20
N TRP A 93 -16.92 -17.55 -6.09
CA TRP A 93 -17.45 -18.60 -7.00
C TRP A 93 -17.64 -18.05 -8.41
N ASN A 94 -17.97 -16.76 -8.54
CA ASN A 94 -18.31 -16.09 -9.83
C ASN A 94 -18.36 -14.57 -9.62
N ALA A 95 -18.35 -13.81 -10.72
CA ALA A 95 -18.29 -12.33 -10.73
C ALA A 95 -19.47 -11.72 -9.97
N GLN A 96 -20.63 -12.38 -9.95
CA GLN A 96 -21.86 -11.83 -9.33
C GLN A 96 -21.68 -11.77 -7.81
N GLU A 97 -20.93 -12.71 -7.22
CA GLU A 97 -20.64 -12.72 -5.77
C GLU A 97 -19.73 -11.52 -5.44
N CYS A 98 -18.79 -11.21 -6.33
CA CYS A 98 -17.85 -10.06 -6.22
C CYS A 98 -18.60 -8.73 -6.34
N ILE A 99 -19.45 -8.58 -7.35
CA ILE A 99 -20.22 -7.31 -7.59
C ILE A 99 -21.18 -7.08 -6.42
N GLN A 100 -21.69 -8.15 -5.80
CA GLN A 100 -22.53 -8.07 -4.58
C GLN A 100 -21.75 -7.35 -3.47
N ASP A 101 -20.48 -7.70 -3.30
CA ASP A 101 -19.61 -7.17 -2.22
C ASP A 101 -19.36 -5.67 -2.43
N PHE A 102 -19.01 -5.26 -3.66
CA PHE A 102 -18.87 -3.82 -4.02
C PHE A 102 -20.14 -3.07 -3.60
N ASN A 103 -21.32 -3.63 -3.91
CA ASN A 103 -22.61 -2.95 -3.62
C ASN A 103 -22.80 -2.90 -2.11
N THR A 104 -22.47 -3.98 -1.39
CA THR A 104 -22.53 -4.01 0.09
C THR A 104 -21.70 -2.86 0.66
N MET A 105 -20.51 -2.61 0.11
CA MET A 105 -19.60 -1.55 0.61
C MET A 105 -20.33 -0.21 0.56
N PHE A 106 -20.94 0.10 -0.59
CA PHE A 106 -21.67 1.38 -0.80
C PHE A 106 -22.87 1.43 0.15
N THR A 107 -23.82 0.51 0.03
CA THR A 107 -25.06 0.51 0.86
C THR A 107 -24.67 0.60 2.34
N ASN A 108 -23.64 -0.13 2.77
CA ASN A 108 -23.14 -0.13 4.17
C ASN A 108 -22.91 1.32 4.59
N CYS A 109 -22.13 2.05 3.80
CA CYS A 109 -21.79 3.48 4.04
C CYS A 109 -23.07 4.34 4.07
N TYR A 110 -24.02 4.10 3.16
CA TYR A 110 -25.29 4.87 3.05
C TYR A 110 -26.20 4.56 4.25
N ILE A 111 -26.08 3.36 4.81
CA ILE A 111 -26.89 2.93 6.00
C ILE A 111 -26.35 3.68 7.22
N TYR A 112 -25.06 3.51 7.52
CA TYR A 112 -24.45 3.92 8.80
C TYR A 112 -24.37 5.44 8.91
N ASN A 113 -24.15 6.14 7.79
CA ASN A 113 -23.91 7.61 7.77
C ASN A 113 -25.22 8.34 7.43
N LYS A 114 -25.24 9.66 7.62
CA LYS A 114 -26.37 10.57 7.25
C LYS A 114 -26.16 10.98 5.80
N PRO A 115 -27.23 11.23 5.01
CA PRO A 115 -27.06 11.66 3.63
C PRO A 115 -26.50 13.09 3.61
N GLY A 116 -25.65 13.41 2.65
CA GLY A 116 -24.99 14.73 2.56
C GLY A 116 -23.77 14.84 3.47
N ASP A 117 -23.46 13.81 4.27
CA ASP A 117 -22.12 13.62 4.89
C ASP A 117 -21.07 13.52 3.78
N ASP A 118 -19.80 13.82 4.08
CA ASP A 118 -18.71 13.84 3.07
C ASP A 118 -18.41 12.40 2.65
N ILE A 119 -18.28 11.50 3.63
CA ILE A 119 -18.05 10.04 3.42
C ILE A 119 -19.05 9.52 2.36
N VAL A 120 -20.30 9.98 2.40
CA VAL A 120 -21.38 9.48 1.49
C VAL A 120 -21.14 9.99 0.07
N LEU A 121 -20.93 11.30 -0.09
CA LEU A 121 -20.64 11.94 -1.41
C LEU A 121 -19.47 11.22 -2.07
N MET A 122 -18.50 10.76 -1.27
CA MET A 122 -17.31 9.99 -1.74
C MET A 122 -17.76 8.62 -2.27
N ALA A 123 -18.56 7.89 -1.48
CA ALA A 123 -19.04 6.54 -1.87
C ALA A 123 -19.89 6.67 -3.13
N GLU A 124 -20.73 7.72 -3.18
CA GLU A 124 -21.65 7.98 -4.31
C GLU A 124 -20.80 8.17 -5.57
N ALA A 125 -19.75 8.99 -5.47
CA ALA A 125 -18.78 9.25 -6.55
C ALA A 125 -18.24 7.92 -7.05
N LEU A 126 -17.70 7.11 -6.12
CA LEU A 126 -17.11 5.78 -6.42
C LEU A 126 -18.15 4.89 -7.10
N GLU A 127 -19.35 4.80 -6.53
CA GLU A 127 -20.44 3.92 -7.04
C GLU A 127 -20.71 4.26 -8.50
N LYS A 128 -20.95 5.54 -8.82
CA LYS A 128 -21.22 6.01 -10.21
C LYS A 128 -20.19 5.35 -11.13
N LEU A 129 -18.91 5.65 -10.88
CA LEU A 129 -17.74 5.13 -11.63
C LEU A 129 -17.81 3.60 -11.71
N PHE A 130 -18.09 2.94 -10.58
CA PHE A 130 -18.16 1.46 -10.50
C PHE A 130 -19.15 0.94 -11.53
N LEU A 131 -20.34 1.54 -11.57
CA LEU A 131 -21.48 1.08 -12.42
C LEU A 131 -21.17 1.35 -13.91
N GLN A 132 -20.44 2.42 -14.23
CA GLN A 132 -19.96 2.70 -15.62
C GLN A 132 -19.08 1.53 -16.06
N LYS A 133 -18.06 1.18 -15.27
CA LYS A 133 -17.02 0.17 -15.60
C LYS A 133 -17.67 -1.23 -15.68
N ILE A 134 -18.75 -1.47 -14.93
CA ILE A 134 -19.44 -2.80 -14.89
C ILE A 134 -20.26 -2.99 -16.17
N ASN A 135 -20.61 -1.90 -16.88
CA ASN A 135 -21.45 -1.93 -18.12
C ASN A 135 -20.60 -2.37 -19.31
N GLU A 136 -19.28 -2.14 -19.26
CA GLU A 136 -18.32 -2.62 -20.28
C GLU A 136 -17.79 -4.00 -19.90
N LEU A 137 -18.52 -4.73 -19.04
CA LEU A 137 -18.12 -6.07 -18.52
C LEU A 137 -18.20 -7.08 -19.66
N PRO A 138 -17.07 -7.73 -20.04
CA PRO A 138 -17.09 -8.78 -21.07
C PRO A 138 -18.07 -9.93 -20.76
N THR A 139 -18.77 -10.44 -21.76
CA THR A 139 -19.67 -11.55 -21.55
C THR A 139 -18.92 -12.84 -21.78
N ARG B 31 19.66 5.11 29.77
CA ARG B 31 19.18 4.76 28.38
C ARG B 31 17.72 5.18 28.20
N GLN B 32 16.81 4.60 29.00
CA GLN B 32 15.37 5.01 29.11
C GLN B 32 15.16 5.74 30.45
N THR B 33 15.14 7.09 30.42
CA THR B 33 14.80 7.97 31.56
C THR B 33 13.34 7.73 31.93
N ASN B 34 12.90 8.12 33.12
CA ASN B 34 11.47 8.03 33.52
C ASN B 34 10.66 9.08 32.74
N GLN B 35 11.34 10.08 32.16
CA GLN B 35 10.71 11.07 31.23
C GLN B 35 10.24 10.35 29.97
N LEU B 36 11.09 9.51 29.38
CA LEU B 36 10.82 8.75 28.13
C LEU B 36 9.73 7.72 28.38
N GLN B 37 9.70 7.11 29.56
CA GLN B 37 8.60 6.19 29.99
C GLN B 37 7.29 6.98 30.03
N TYR B 38 7.33 8.19 30.60
CA TYR B 38 6.17 9.10 30.71
C TYR B 38 5.67 9.41 29.29
N LEU B 39 6.60 9.81 28.42
CA LEU B 39 6.28 10.23 27.03
C LEU B 39 5.55 9.08 26.31
N LEU B 40 5.93 7.83 26.60
CA LEU B 40 5.35 6.63 25.94
C LEU B 40 4.03 6.25 26.61
N ARG B 41 4.02 6.04 27.93
CA ARG B 41 2.88 5.43 28.66
C ARG B 41 1.79 6.47 29.00
N VAL B 42 2.14 7.75 29.09
CA VAL B 42 1.18 8.83 29.44
C VAL B 42 0.86 9.69 28.21
N VAL B 43 1.84 10.41 27.65
CA VAL B 43 1.65 11.45 26.60
C VAL B 43 1.11 10.85 25.30
N LEU B 44 1.87 9.91 24.71
CA LEU B 44 1.52 9.23 23.43
C LEU B 44 0.18 8.50 23.57
N LYS B 45 0.03 7.69 24.62
CA LYS B 45 -1.21 6.92 24.90
C LYS B 45 -2.41 7.87 24.85
N THR B 46 -2.31 9.05 25.48
CA THR B 46 -3.42 10.04 25.51
C THR B 46 -3.74 10.49 24.08
N LEU B 47 -2.71 10.85 23.31
CA LEU B 47 -2.88 11.48 21.98
C LEU B 47 -3.42 10.43 21.01
N TRP B 48 -2.91 9.20 21.12
CA TRP B 48 -3.23 8.07 20.21
C TRP B 48 -4.74 7.79 20.24
N LYS B 49 -5.38 7.97 21.41
CA LYS B 49 -6.78 7.57 21.69
C LYS B 49 -7.75 8.68 21.28
N HIS B 50 -7.27 9.92 21.16
CA HIS B 50 -8.11 11.10 20.77
C HIS B 50 -8.86 10.80 19.48
N GLN B 51 -10.00 11.46 19.27
CA GLN B 51 -10.85 11.32 18.04
C GLN B 51 -9.99 11.64 16.81
N PHE B 52 -9.11 12.63 16.93
CA PHE B 52 -8.40 13.31 15.82
C PHE B 52 -7.01 12.67 15.54
N ALA B 53 -6.66 11.59 16.21
CA ALA B 53 -5.32 10.96 16.12
C ALA B 53 -5.10 10.29 14.75
N TRP B 54 -6.12 9.69 14.14
CA TRP B 54 -5.96 8.75 13.01
C TRP B 54 -5.11 9.34 11.87
N PRO B 55 -5.26 10.63 11.48
CA PRO B 55 -4.48 11.17 10.36
C PRO B 55 -2.97 11.26 10.63
N PHE B 56 -2.59 11.20 11.91
CA PHE B 56 -1.20 11.38 12.40
C PHE B 56 -0.65 10.10 13.06
N GLN B 57 -1.28 8.94 12.85
CA GLN B 57 -0.88 7.63 13.46
C GLN B 57 0.04 6.86 12.50
N GLN B 58 0.23 7.39 11.30
CA GLN B 58 1.10 6.77 10.26
C GLN B 58 1.54 7.88 9.31
N PRO B 59 2.61 7.67 8.51
CA PRO B 59 3.08 8.71 7.60
C PRO B 59 1.96 9.21 6.69
N VAL B 60 2.16 10.38 6.06
CA VAL B 60 1.31 10.83 4.92
C VAL B 60 1.83 10.11 3.68
N ASP B 61 1.05 9.17 3.12
CA ASP B 61 1.40 8.54 1.82
C ASP B 61 1.07 9.56 0.74
N ALA B 62 2.12 10.16 0.17
CA ALA B 62 2.08 11.21 -0.87
C ALA B 62 1.53 10.62 -2.17
N VAL B 63 1.97 9.39 -2.49
CA VAL B 63 1.55 8.61 -3.69
C VAL B 63 0.02 8.47 -3.66
N LYS B 64 -0.49 7.73 -2.67
CA LYS B 64 -1.94 7.40 -2.48
C LYS B 64 -2.80 8.65 -2.62
N LEU B 65 -2.47 9.74 -1.94
CA LEU B 65 -3.36 10.93 -1.82
C LEU B 65 -3.18 11.89 -3.00
N ASN B 66 -2.21 11.67 -3.89
CA ASN B 66 -1.92 12.59 -5.02
C ASN B 66 -1.30 13.87 -4.51
N LEU B 67 -0.23 13.76 -3.76
CA LEU B 67 0.52 14.88 -3.14
C LEU B 67 1.98 14.80 -3.60
N PRO B 68 2.29 15.15 -4.87
CA PRO B 68 3.62 14.89 -5.41
C PRO B 68 4.67 15.88 -4.87
N ASP B 69 4.22 16.99 -4.27
CA ASP B 69 5.08 18.09 -3.78
C ASP B 69 5.14 18.12 -2.24
N TYR B 70 4.42 17.22 -1.55
CA TYR B 70 4.45 17.13 -0.07
C TYR B 70 5.90 16.81 0.37
N TYR B 71 6.52 15.77 -0.19
CA TYR B 71 7.87 15.35 0.23
C TYR B 71 8.92 16.39 -0.18
N LYS B 72 8.59 17.33 -1.07
CA LYS B 72 9.50 18.42 -1.54
C LYS B 72 9.36 19.66 -0.65
N ILE B 73 8.16 19.94 -0.11
CA ILE B 73 7.91 21.07 0.85
C ILE B 73 8.25 20.67 2.29
N ILE B 74 7.90 19.45 2.71
CA ILE B 74 8.17 18.94 4.08
C ILE B 74 9.49 18.15 4.06
N LYS B 75 10.50 18.65 4.76
CA LYS B 75 11.91 18.18 4.68
C LYS B 75 12.06 16.91 5.51
N THR B 76 11.64 16.96 6.78
CA THR B 76 11.59 15.80 7.71
C THR B 76 10.14 15.57 8.11
N PRO B 77 9.45 14.59 7.50
CA PRO B 77 8.05 14.31 7.84
C PRO B 77 7.98 13.41 9.09
N MET B 78 6.89 13.52 9.85
CA MET B 78 6.74 12.87 11.17
C MET B 78 5.28 12.51 11.46
N ASP B 79 5.12 11.44 12.24
CA ASP B 79 3.82 10.84 12.62
C ASP B 79 4.00 10.15 13.96
N MET B 80 2.90 9.96 14.69
CA MET B 80 2.89 9.29 16.02
C MET B 80 3.29 7.83 15.86
N GLY B 81 3.05 7.25 14.68
CA GLY B 81 3.48 5.88 14.36
C GLY B 81 4.98 5.72 14.47
N THR B 82 5.72 6.70 13.96
CA THR B 82 7.21 6.73 13.94
C THR B 82 7.72 7.06 15.33
N ILE B 83 7.11 8.06 15.98
CA ILE B 83 7.45 8.47 17.37
C ILE B 83 7.24 7.25 18.28
N LYS B 84 6.09 6.56 18.16
CA LYS B 84 5.79 5.31 18.91
C LYS B 84 6.95 4.32 18.73
N LYS B 85 7.33 4.06 17.48
CA LYS B 85 8.31 3.01 17.10
C LYS B 85 9.65 3.33 17.78
N ARG B 86 10.00 4.62 17.85
CA ARG B 86 11.30 5.12 18.36
C ARG B 86 11.34 5.02 19.89
N LEU B 87 10.23 5.32 20.55
CA LEU B 87 10.11 5.20 22.03
C LEU B 87 10.24 3.72 22.41
N GLU B 88 9.71 2.82 21.59
CA GLU B 88 9.73 1.35 21.81
C GLU B 88 11.12 0.77 21.52
N ASN B 89 11.94 1.52 20.77
CA ASN B 89 13.23 1.00 20.23
C ASN B 89 14.40 1.86 20.71
N ASN B 90 14.22 2.66 21.77
CA ASN B 90 15.36 3.24 22.53
C ASN B 90 16.22 4.04 21.54
N TYR B 91 15.55 4.73 20.63
CA TYR B 91 16.16 5.44 19.48
C TYR B 91 16.65 6.81 19.94
N TYR B 92 15.77 7.52 20.65
CA TYR B 92 15.93 8.93 21.10
C TYR B 92 17.13 9.04 22.04
N TRP B 93 17.99 10.01 21.76
CA TRP B 93 19.15 10.41 22.62
C TRP B 93 18.64 10.68 24.03
N ASN B 94 17.55 11.45 24.14
CA ASN B 94 16.89 11.79 25.43
C ASN B 94 15.48 12.31 25.15
N ALA B 95 14.66 12.48 26.19
CA ALA B 95 13.23 12.83 26.10
C ALA B 95 13.01 14.09 25.25
N GLN B 96 14.03 14.95 25.13
CA GLN B 96 13.83 16.30 24.52
C GLN B 96 13.89 16.18 22.99
N GLU B 97 14.55 15.14 22.47
CA GLU B 97 14.57 14.81 21.02
C GLU B 97 13.16 14.38 20.59
N CYS B 98 12.50 13.53 21.39
CA CYS B 98 11.11 13.07 21.19
C CYS B 98 10.17 14.28 21.10
N ILE B 99 10.32 15.25 21.99
CA ILE B 99 9.46 16.47 22.01
C ILE B 99 9.71 17.30 20.74
N GLN B 100 10.93 17.25 20.18
CA GLN B 100 11.20 17.84 18.85
C GLN B 100 10.24 17.19 17.86
N ASP B 101 10.19 15.85 17.83
CA ASP B 101 9.43 15.06 16.81
C ASP B 101 7.94 15.43 16.84
N PHE B 102 7.35 15.58 18.02
CA PHE B 102 5.93 15.99 18.18
C PHE B 102 5.74 17.39 17.53
N ASN B 103 6.67 18.33 17.75
CA ASN B 103 6.56 19.71 17.21
C ASN B 103 6.65 19.64 15.67
N THR B 104 7.56 18.82 15.13
CA THR B 104 7.79 18.69 13.66
C THR B 104 6.47 18.23 13.02
N MET B 105 5.82 17.23 13.63
CA MET B 105 4.49 16.73 13.21
C MET B 105 3.53 17.92 13.07
N PHE B 106 3.31 18.66 14.16
CA PHE B 106 2.28 19.74 14.18
C PHE B 106 2.65 20.81 13.16
N THR B 107 3.93 21.19 13.06
CA THR B 107 4.38 22.31 12.18
C THR B 107 4.36 21.83 10.72
N ASN B 108 4.81 20.60 10.44
CA ASN B 108 4.70 20.00 9.09
C ASN B 108 3.28 20.23 8.59
N CYS B 109 2.31 19.93 9.45
CA CYS B 109 0.86 20.04 9.15
C CYS B 109 0.52 21.50 8.82
N TYR B 110 0.88 22.46 9.68
CA TYR B 110 0.57 23.90 9.53
C TYR B 110 1.27 24.48 8.29
N ILE B 111 2.47 23.99 7.97
CA ILE B 111 3.28 24.47 6.79
C ILE B 111 2.52 24.15 5.51
N TYR B 112 2.17 22.87 5.30
CA TYR B 112 1.54 22.33 4.05
C TYR B 112 0.09 22.84 3.87
N ASN B 113 -0.75 22.71 4.89
CA ASN B 113 -2.23 22.89 4.82
C ASN B 113 -2.60 24.35 5.12
N LYS B 114 -3.76 24.81 4.62
CA LYS B 114 -4.25 26.21 4.75
C LYS B 114 -4.76 26.42 6.17
N PRO B 115 -4.47 27.57 6.83
CA PRO B 115 -5.07 27.88 8.13
C PRO B 115 -6.60 27.85 8.05
N GLY B 116 -7.25 27.07 8.91
CA GLY B 116 -8.73 26.93 8.95
C GLY B 116 -9.22 25.61 8.39
N ASP B 117 -8.36 24.89 7.68
CA ASP B 117 -8.71 23.60 7.15
C ASP B 117 -9.05 22.60 8.23
N ASP B 118 -9.74 21.54 7.85
CA ASP B 118 -10.22 20.52 8.83
C ASP B 118 -9.00 20.00 9.60
N ILE B 119 -8.00 19.50 8.88
CA ILE B 119 -6.82 18.78 9.44
C ILE B 119 -5.99 19.70 10.34
N VAL B 120 -5.89 20.99 10.00
CA VAL B 120 -5.13 21.99 10.83
C VAL B 120 -5.79 22.08 12.21
N LEU B 121 -7.12 22.26 12.27
CA LEU B 121 -7.88 22.40 13.53
C LEU B 121 -7.73 21.11 14.37
N MET B 122 -7.57 19.97 13.71
CA MET B 122 -7.38 18.64 14.36
C MET B 122 -6.01 18.57 15.03
N ALA B 123 -4.95 18.92 14.30
CA ALA B 123 -3.56 19.02 14.81
C ALA B 123 -3.55 20.03 15.97
N GLU B 124 -4.16 21.20 15.78
CA GLU B 124 -4.17 22.30 16.77
C GLU B 124 -4.71 21.77 18.11
N ALA B 125 -5.76 20.95 18.08
CA ALA B 125 -6.42 20.39 19.28
C ALA B 125 -5.52 19.30 19.88
N LEU B 126 -4.87 18.51 19.03
CA LEU B 126 -3.89 17.49 19.47
C LEU B 126 -2.71 18.18 20.16
N GLU B 127 -2.29 19.34 19.67
CA GLU B 127 -1.13 20.11 20.19
C GLU B 127 -1.50 20.67 21.57
N LYS B 128 -2.63 21.37 21.66
CA LYS B 128 -3.15 21.94 22.94
C LYS B 128 -3.08 20.84 24.00
N LEU B 129 -3.59 19.65 23.68
CA LEU B 129 -3.63 18.47 24.60
C LEU B 129 -2.20 18.01 24.92
N PHE B 130 -1.31 18.00 23.92
CA PHE B 130 0.11 17.59 24.05
C PHE B 130 0.82 18.53 25.03
N LEU B 131 0.64 19.85 24.86
CA LEU B 131 1.27 20.89 25.71
C LEU B 131 0.81 20.71 27.17
N GLN B 132 -0.45 20.30 27.39
CA GLN B 132 -1.03 20.05 28.74
C GLN B 132 -0.31 18.87 29.40
N LYS B 133 -0.14 17.77 28.66
CA LYS B 133 0.40 16.51 29.21
C LYS B 133 1.92 16.64 29.45
N ILE B 134 2.61 17.43 28.61
CA ILE B 134 4.10 17.63 28.66
C ILE B 134 4.44 18.51 29.87
N ASN B 135 3.45 19.25 30.37
CA ASN B 135 3.62 20.23 31.49
C ASN B 135 3.82 19.48 32.81
N GLU B 136 3.36 18.23 32.92
CA GLU B 136 3.57 17.36 34.12
C GLU B 136 4.73 16.39 33.87
N LEU B 137 5.65 16.71 32.96
CA LEU B 137 6.85 15.88 32.71
C LEU B 137 7.66 15.78 33.99
N PRO B 138 7.90 14.56 34.55
CA PRO B 138 8.80 14.39 35.69
C PRO B 138 10.20 14.97 35.47
N THR B 139 11.02 15.02 36.51
CA THR B 139 12.35 15.58 36.38
C THR B 139 13.33 14.46 36.62
N GLN C 32 -2.65 -31.39 -22.51
CA GLN C 32 -3.73 -31.48 -21.47
C GLN C 32 -3.42 -30.52 -20.30
N THR C 33 -2.20 -30.00 -20.18
CA THR C 33 -1.70 -29.23 -18.99
C THR C 33 -1.62 -27.73 -19.33
N ASN C 34 -1.88 -26.88 -18.33
CA ASN C 34 -2.06 -25.40 -18.44
C ASN C 34 -0.69 -24.73 -18.60
N GLN C 35 -0.68 -23.57 -19.28
CA GLN C 35 0.54 -22.77 -19.58
C GLN C 35 1.06 -22.06 -18.32
N LEU C 36 0.22 -21.26 -17.68
CA LEU C 36 0.61 -20.44 -16.50
C LEU C 36 0.91 -21.36 -15.31
N GLN C 37 0.15 -22.45 -15.15
CA GLN C 37 0.43 -23.47 -14.09
C GLN C 37 1.87 -23.95 -14.25
N TYR C 38 2.25 -24.28 -15.50
CA TYR C 38 3.62 -24.73 -15.87
C TYR C 38 4.62 -23.63 -15.51
N LEU C 39 4.36 -22.41 -15.98
CA LEU C 39 5.26 -21.23 -15.79
C LEU C 39 5.62 -21.07 -14.32
N LEU C 40 4.66 -21.31 -13.41
CA LEU C 40 4.85 -21.21 -11.94
C LEU C 40 5.58 -22.47 -11.42
N ARG C 41 5.07 -23.65 -11.73
CA ARG C 41 5.44 -24.92 -11.05
C ARG C 41 6.74 -25.51 -11.63
N VAL C 42 7.09 -25.15 -12.86
CA VAL C 42 8.25 -25.74 -13.58
C VAL C 42 9.25 -24.62 -13.91
N VAL C 43 8.86 -23.69 -14.78
CA VAL C 43 9.78 -22.63 -15.31
C VAL C 43 10.34 -21.83 -14.14
N LEU C 44 9.47 -21.21 -13.33
CA LEU C 44 9.90 -20.31 -12.22
C LEU C 44 10.69 -21.12 -11.17
N LYS C 45 10.21 -22.28 -10.75
CA LYS C 45 10.90 -23.10 -9.72
C LYS C 45 12.36 -23.30 -10.16
N THR C 46 12.59 -23.61 -11.43
CA THR C 46 13.95 -23.87 -11.98
C THR C 46 14.81 -22.63 -11.71
N LEU C 47 14.42 -21.49 -12.28
CA LEU C 47 15.18 -20.21 -12.22
C LEU C 47 15.40 -19.81 -10.76
N TRP C 48 14.42 -20.05 -9.90
CA TRP C 48 14.44 -19.64 -8.48
C TRP C 48 15.58 -20.38 -7.75
N LYS C 49 15.77 -21.66 -8.06
CA LYS C 49 16.68 -22.57 -7.29
C LYS C 49 18.12 -22.38 -7.77
N HIS C 50 18.31 -22.11 -9.08
CA HIS C 50 19.62 -21.89 -9.76
C HIS C 50 20.49 -20.92 -8.95
N GLN C 51 21.82 -21.10 -8.97
CA GLN C 51 22.78 -20.38 -8.09
C GLN C 51 22.65 -18.86 -8.30
N PHE C 52 22.84 -18.36 -9.53
CA PHE C 52 22.81 -16.91 -9.89
C PHE C 52 21.37 -16.39 -9.92
N ALA C 53 20.64 -16.48 -8.81
CA ALA C 53 19.20 -16.11 -8.72
C ALA C 53 19.03 -14.94 -7.75
N TRP C 54 19.63 -15.03 -6.56
CA TRP C 54 19.46 -14.10 -5.41
C TRP C 54 19.43 -12.63 -5.86
N PRO C 55 20.18 -12.18 -6.89
CA PRO C 55 20.08 -10.79 -7.32
C PRO C 55 18.74 -10.42 -7.96
N PHE C 56 17.96 -11.41 -8.43
CA PHE C 56 16.71 -11.19 -9.21
C PHE C 56 15.48 -11.71 -8.46
N GLN C 57 15.61 -12.10 -7.19
CA GLN C 57 14.54 -12.76 -6.39
C GLN C 57 13.68 -11.73 -5.68
N GLN C 58 14.17 -10.51 -5.54
CA GLN C 58 13.44 -9.35 -4.95
C GLN C 58 13.66 -8.15 -5.88
N PRO C 59 12.95 -7.01 -5.69
CA PRO C 59 13.21 -5.81 -6.48
C PRO C 59 14.53 -5.17 -6.05
N VAL C 60 15.12 -4.35 -6.94
CA VAL C 60 16.41 -3.62 -6.72
C VAL C 60 16.20 -2.50 -5.69
N ASP C 61 16.72 -2.64 -4.47
CA ASP C 61 16.69 -1.55 -3.46
C ASP C 61 17.79 -0.54 -3.82
N ALA C 62 17.42 0.58 -4.46
CA ALA C 62 18.31 1.62 -5.01
C ALA C 62 18.74 2.60 -3.91
N VAL C 63 17.96 2.70 -2.82
CA VAL C 63 18.29 3.51 -1.61
C VAL C 63 19.40 2.80 -0.83
N LYS C 64 19.57 1.47 -1.00
CA LYS C 64 20.57 0.63 -0.30
C LYS C 64 21.72 0.24 -1.24
N LEU C 65 21.72 0.73 -2.47
CA LEU C 65 22.82 0.53 -3.46
C LEU C 65 23.32 1.89 -3.98
N ASN C 66 22.65 2.99 -3.62
CA ASN C 66 23.09 4.38 -3.95
C ASN C 66 23.09 4.54 -5.48
N LEU C 67 22.07 3.98 -6.15
CA LEU C 67 21.90 3.95 -7.63
C LEU C 67 20.63 4.68 -8.02
N PRO C 68 20.58 6.03 -7.92
CA PRO C 68 19.36 6.78 -8.19
C PRO C 68 19.01 6.84 -9.69
N ASP C 69 20.00 6.62 -10.57
CA ASP C 69 19.82 6.54 -12.04
C ASP C 69 18.79 5.47 -12.38
N TYR C 70 18.91 4.29 -11.74
CA TYR C 70 18.15 3.05 -12.08
C TYR C 70 16.68 3.40 -12.30
N TYR C 71 16.06 4.05 -11.31
CA TYR C 71 14.58 4.27 -11.26
C TYR C 71 14.15 5.34 -12.26
N LYS C 72 15.09 5.92 -13.02
CA LYS C 72 14.80 6.88 -14.13
C LYS C 72 15.18 6.21 -15.45
N ILE C 73 16.39 5.65 -15.54
CA ILE C 73 16.90 4.87 -16.71
C ILE C 73 15.92 3.72 -16.99
N ILE C 74 15.64 2.91 -15.96
CA ILE C 74 14.76 1.71 -16.03
C ILE C 74 13.38 2.06 -15.47
N LYS C 75 12.41 2.21 -16.36
CA LYS C 75 10.96 2.19 -16.08
C LYS C 75 10.47 0.75 -16.26
N THR C 76 9.37 0.40 -15.60
CA THR C 76 8.79 -0.98 -15.57
C THR C 76 9.82 -1.93 -14.96
N PRO C 77 10.25 -1.71 -13.69
CA PRO C 77 11.22 -2.58 -13.04
C PRO C 77 10.60 -3.94 -12.72
N MET C 78 11.28 -5.04 -13.05
CA MET C 78 10.73 -6.41 -12.91
C MET C 78 11.72 -7.33 -12.18
N ASP C 79 11.18 -8.25 -11.38
CA ASP C 79 11.95 -9.27 -10.64
C ASP C 79 11.08 -10.52 -10.47
N MET C 80 11.72 -11.69 -10.36
CA MET C 80 11.08 -13.01 -10.16
C MET C 80 10.25 -12.97 -8.85
N GLY C 81 10.63 -12.10 -7.91
CA GLY C 81 9.87 -11.82 -6.68
C GLY C 81 8.41 -11.45 -6.97
N THR C 82 8.19 -10.47 -7.86
CA THR C 82 6.84 -9.97 -8.22
C THR C 82 6.24 -10.77 -9.37
N ILE C 83 7.05 -11.50 -10.15
CA ILE C 83 6.51 -12.45 -11.16
C ILE C 83 5.80 -13.58 -10.41
N LYS C 84 6.44 -14.14 -9.39
CA LYS C 84 5.86 -15.14 -8.46
C LYS C 84 4.52 -14.62 -7.93
N LYS C 85 4.52 -13.41 -7.36
CA LYS C 85 3.32 -12.80 -6.72
C LYS C 85 2.15 -12.83 -7.72
N ARG C 86 2.43 -12.46 -8.97
CA ARG C 86 1.39 -12.29 -10.02
C ARG C 86 0.85 -13.64 -10.48
N LEU C 87 1.69 -14.68 -10.53
CA LEU C 87 1.25 -16.06 -10.86
C LEU C 87 0.30 -16.56 -9.76
N GLU C 88 0.47 -16.06 -8.52
CA GLU C 88 -0.23 -16.56 -7.30
C GLU C 88 -1.50 -15.74 -7.01
N ASN C 89 -1.69 -14.63 -7.72
CA ASN C 89 -2.78 -13.67 -7.41
C ASN C 89 -3.52 -13.28 -8.71
N ASN C 90 -3.78 -14.28 -9.56
CA ASN C 90 -4.77 -14.25 -10.68
C ASN C 90 -4.51 -13.06 -11.62
N TYR C 91 -3.32 -12.47 -11.57
CA TYR C 91 -3.02 -11.17 -12.24
C TYR C 91 -2.94 -11.36 -13.75
N TYR C 92 -1.92 -12.09 -14.24
CA TYR C 92 -1.60 -12.25 -15.68
C TYR C 92 -2.84 -12.72 -16.46
N TRP C 93 -3.22 -11.94 -17.48
CA TRP C 93 -4.27 -12.26 -18.48
C TRP C 93 -4.01 -13.63 -19.10
N ASN C 94 -2.79 -13.84 -19.60
CA ASN C 94 -2.36 -15.08 -20.30
C ASN C 94 -0.88 -15.36 -20.01
N ALA C 95 -0.36 -16.47 -20.53
CA ALA C 95 1.06 -16.90 -20.38
C ALA C 95 1.99 -15.90 -21.05
N GLN C 96 1.55 -15.28 -22.15
CA GLN C 96 2.41 -14.35 -22.94
C GLN C 96 2.77 -13.13 -22.07
N GLU C 97 1.84 -12.65 -21.25
CA GLU C 97 2.05 -11.45 -20.39
C GLU C 97 3.14 -11.76 -19.34
N CYS C 98 3.21 -13.01 -18.89
CA CYS C 98 4.22 -13.49 -17.90
C CYS C 98 5.59 -13.57 -18.58
N ILE C 99 5.71 -14.32 -19.67
CA ILE C 99 6.96 -14.45 -20.48
C ILE C 99 7.54 -13.05 -20.70
N GLN C 100 6.69 -12.12 -21.13
CA GLN C 100 7.07 -10.73 -21.52
C GLN C 100 7.65 -10.01 -20.29
N ASP C 101 7.23 -10.39 -19.08
CA ASP C 101 7.75 -9.83 -17.81
C ASP C 101 9.14 -10.41 -17.52
N PHE C 102 9.39 -11.68 -17.86
CA PHE C 102 10.73 -12.31 -17.72
C PHE C 102 11.71 -11.55 -18.61
N ASN C 103 11.38 -11.43 -19.91
CA ASN C 103 12.20 -10.76 -20.95
C ASN C 103 12.49 -9.31 -20.53
N THR C 104 11.53 -8.66 -19.86
CA THR C 104 11.65 -7.28 -19.29
C THR C 104 12.75 -7.27 -18.22
N MET C 105 12.67 -8.16 -17.22
CA MET C 105 13.62 -8.23 -16.07
C MET C 105 15.06 -8.44 -16.56
N PHE C 106 15.23 -9.27 -17.60
CA PHE C 106 16.55 -9.51 -18.25
C PHE C 106 17.02 -8.21 -18.90
N THR C 107 16.34 -7.77 -19.96
CA THR C 107 16.68 -6.56 -20.77
C THR C 107 16.89 -5.35 -19.84
N ASN C 108 16.13 -5.23 -18.75
CA ASN C 108 16.35 -4.20 -17.69
C ASN C 108 17.81 -4.27 -17.23
N CYS C 109 18.27 -5.45 -16.82
CA CYS C 109 19.64 -5.68 -16.30
C CYS C 109 20.70 -5.40 -17.39
N TYR C 110 20.50 -5.90 -18.61
CA TYR C 110 21.44 -5.77 -19.76
C TYR C 110 21.73 -4.27 -20.01
N ILE C 111 20.67 -3.48 -20.15
CA ILE C 111 20.75 -2.01 -20.47
C ILE C 111 21.56 -1.32 -19.38
N TYR C 112 21.02 -1.27 -18.16
CA TYR C 112 21.57 -0.50 -17.01
C TYR C 112 23.04 -0.82 -16.75
N ASN C 113 23.43 -2.10 -16.87
CA ASN C 113 24.78 -2.57 -16.46
C ASN C 113 25.70 -2.68 -17.69
N LYS C 114 26.99 -2.96 -17.44
CA LYS C 114 28.12 -2.90 -18.42
C LYS C 114 28.09 -4.15 -19.29
N PRO C 115 28.08 -4.04 -20.66
CA PRO C 115 27.95 -5.29 -21.43
C PRO C 115 28.90 -6.43 -21.04
N GLY C 116 29.98 -6.13 -20.35
CA GLY C 116 30.89 -7.17 -19.86
C GLY C 116 30.99 -7.16 -18.33
N ASP C 117 29.93 -6.72 -17.64
CA ASP C 117 29.89 -6.64 -16.15
C ASP C 117 29.83 -8.07 -15.57
N ASP C 118 29.95 -8.16 -14.24
CA ASP C 118 29.78 -9.37 -13.41
C ASP C 118 28.35 -9.90 -13.62
N ILE C 119 27.35 -9.12 -13.21
CA ILE C 119 25.92 -9.53 -13.12
C ILE C 119 25.38 -9.96 -14.48
N VAL C 120 25.66 -9.23 -15.56
CA VAL C 120 25.03 -9.47 -16.90
C VAL C 120 25.30 -10.90 -17.35
N LEU C 121 26.43 -11.51 -16.96
CA LEU C 121 26.67 -12.95 -17.21
C LEU C 121 25.61 -13.76 -16.44
N MET C 122 25.40 -13.46 -15.16
CA MET C 122 24.34 -14.10 -14.31
C MET C 122 23.01 -14.06 -15.06
N ALA C 123 22.66 -12.88 -15.61
CA ALA C 123 21.39 -12.62 -16.34
C ALA C 123 21.34 -13.41 -17.65
N GLU C 124 22.44 -13.49 -18.39
CA GLU C 124 22.55 -14.25 -19.66
C GLU C 124 22.33 -15.74 -19.38
N ALA C 125 22.89 -16.24 -18.27
CA ALA C 125 22.77 -17.64 -17.80
C ALA C 125 21.29 -17.99 -17.66
N LEU C 126 20.58 -17.26 -16.78
CA LEU C 126 19.14 -17.44 -16.52
C LEU C 126 18.37 -17.39 -17.83
N GLU C 127 18.67 -16.45 -18.73
CA GLU C 127 17.94 -16.28 -20.02
C GLU C 127 18.16 -17.51 -20.91
N LYS C 128 19.41 -18.00 -21.02
CA LYS C 128 19.74 -19.23 -21.79
C LYS C 128 18.84 -20.36 -21.28
N LEU C 129 18.85 -20.58 -19.95
CA LEU C 129 18.08 -21.62 -19.23
C LEU C 129 16.57 -21.41 -19.43
N PHE C 130 16.09 -20.20 -19.15
CA PHE C 130 14.66 -19.79 -19.34
C PHE C 130 14.20 -20.22 -20.74
N LEU C 131 14.97 -19.88 -21.77
CA LEU C 131 14.56 -20.02 -23.19
C LEU C 131 14.55 -21.50 -23.60
N GLN C 132 15.40 -22.34 -23.01
CA GLN C 132 15.31 -23.83 -23.13
C GLN C 132 13.99 -24.27 -22.48
N LYS C 133 13.78 -23.83 -21.24
CA LYS C 133 12.67 -24.25 -20.34
C LYS C 133 11.32 -23.81 -20.93
N ILE C 134 11.31 -22.73 -21.71
CA ILE C 134 10.08 -22.09 -22.29
C ILE C 134 9.64 -22.87 -23.55
N ASN C 135 10.52 -23.67 -24.14
CA ASN C 135 10.22 -24.47 -25.36
C ASN C 135 9.53 -25.77 -24.97
N GLU C 136 9.61 -26.14 -23.68
CA GLU C 136 8.88 -27.31 -23.10
C GLU C 136 7.42 -26.93 -22.85
N LEU C 137 7.06 -25.64 -23.00
CA LEU C 137 5.72 -25.07 -22.68
C LEU C 137 4.63 -25.92 -23.31
N PRO C 138 3.67 -26.47 -22.53
CA PRO C 138 2.52 -27.18 -23.10
C PRO C 138 1.61 -26.26 -23.94
N THR C 139 0.71 -26.87 -24.72
CA THR C 139 -0.28 -26.18 -25.61
C THR C 139 -1.58 -26.99 -25.63
CAZ A1L1X D . -13.85 10.04 5.19
CAX A1L1X D . -13.75 10.76 6.37
CAW A1L1X D . -13.56 12.15 6.32
CAV A1L1X D . -13.44 12.87 7.50
FAY A1L1X D . -13.27 14.17 7.43
CAU A1L1X D . -13.50 12.24 8.75
CAT A1L1X D . -13.69 10.86 8.82
CBA A1L1X D . -13.74 10.25 10.10
CAS A1L1X D . -13.80 10.15 7.61
OAR A1L1X D . -14.00 8.81 7.61
CAQ A1L1X D . -12.97 7.97 7.81
CAP A1L1X D . -11.65 8.40 7.97
CAO A1L1X D . -10.63 7.48 8.16
CAN A1L1X D . -10.92 6.12 8.24
CBB A1L1X D . -9.89 5.17 8.40
CBC A1L1X D . -9.13 5.31 9.72
CBD A1L1X D . -8.92 5.35 7.22
OBE A1L1X D . -10.41 3.84 8.43
CAM A1L1X D . -12.26 5.70 8.05
CAJ A1L1X D . -13.30 6.61 7.85
CAF A1L1X D . -14.63 6.13 7.66
CAE A1L1X D . -14.87 5.22 6.64
NAD A1L1X D . -16.16 4.72 6.41
CAL A1L1X D . -16.38 3.74 5.32
CAC A1L1X D . -17.17 5.15 7.17
OAK A1L1X D . -18.30 4.72 6.95
CAB A1L1X D . -16.94 6.03 8.14
CAI A1L1X D . -17.76 6.61 9.03
CAA A1L1X D . -15.69 6.52 8.37
OAG A1L1X D . -15.76 7.35 9.36
CAH A1L1X D . -17.01 7.42 9.77
CBF A1L1X D . -17.35 8.22 10.80
NBG A1L1X D . -16.75 8.09 11.97
CBH A1L1X D . -17.27 9.03 12.75
CBK A1L1X D . -16.80 9.21 14.19
CBL A1L1X D . -15.30 9.57 14.10
NBI A1L1X D . -18.16 9.76 12.08
CBJ A1L1X D . -18.20 9.26 10.84
CBM A1L1X D . -19.08 9.82 9.67
OBN A1L1X D . -18.58 11.16 9.22
CBO A1L1X D . -17.93 11.38 7.93
CAZ A1L1X E . -7.61 14.24 7.74
CAX A1L1X E . -8.30 14.37 6.53
CAW A1L1X E . -9.64 14.70 6.58
CAV A1L1X E . -10.37 14.85 5.40
FAY A1L1X E . -11.67 15.18 5.47
CAU A1L1X E . -9.77 14.67 4.17
CAT A1L1X E . -8.41 14.33 4.09
CBA A1L1X E . -7.84 14.15 2.83
CAS A1L1X E . -7.71 14.19 5.29
OAR A1L1X E . -6.40 13.90 5.22
CAQ A1L1X E . -5.92 12.64 5.24
CAP A1L1X E . -6.74 11.54 5.09
CAO A1L1X E . -6.20 10.27 5.13
CAN A1L1X E . -4.84 10.09 5.31
CBB A1L1X E . -4.33 8.80 5.38
CBC A1L1X E . -4.84 7.93 4.23
CBD A1L1X E . -4.79 8.18 6.71
OBE A1L1X E . -2.91 8.82 5.36
CAM A1L1X E . -4.01 11.22 5.47
CAJ A1L1X E . -4.54 12.52 5.41
CAF A1L1X E . -3.71 13.65 5.59
CAE A1L1X E . -2.86 13.70 6.71
NAD A1L1X E . -2.04 14.83 6.91
CAL A1L1X E . -1.16 14.85 8.11
CAC A1L1X E . -2.09 15.85 6.04
OAK A1L1X E . -1.39 16.85 6.23
CAB A1L1X E . -2.90 15.79 4.98
CAI A1L1X E . -3.12 16.66 3.99
CAA A1L1X E . -3.70 14.71 4.76
OAG A1L1X E . -4.39 14.97 3.61
CAH A1L1X E . -4.03 16.18 3.16
CBF A1L1X E . -4.52 16.74 2.04
NBG A1L1X E . -4.31 16.26 0.81
CBH A1L1X E . -4.94 17.07 -0.02
CBK A1L1X E . -5.01 16.91 -1.53
CBL A1L1X E . -5.38 15.45 -1.87
NBI A1L1X E . -5.55 18.04 0.63
CBJ A1L1X E . -5.29 17.84 1.91
CBM A1L1X E . -5.87 18.75 3.03
OBN A1L1X E . -7.34 18.61 3.05
CBO A1L1X E . -8.04 18.72 4.32
CAZ A1L1X F . 25.37 -9.22 -8.45
CAX A1L1X F . 26.21 -8.40 -7.70
CAW A1L1X F . 27.51 -8.82 -7.42
CAV A1L1X F . 28.37 -8.03 -6.67
FAY A1L1X F . 29.68 -8.45 -6.39
CAU A1L1X F . 27.93 -6.79 -6.18
CAT A1L1X F . 26.64 -6.35 -6.44
CBA A1L1X F . 26.24 -5.11 -5.92
CAS A1L1X F . 25.78 -7.17 -7.19
OAR A1L1X F . 24.50 -6.77 -7.48
CAQ A1L1X F . 23.48 -6.70 -6.55
CAP A1L1X F . 23.67 -7.10 -5.20
CAO A1L1X F . 22.62 -7.02 -4.30
CAN A1L1X F . 21.38 -6.55 -4.73
CBB A1L1X F . 20.32 -6.46 -3.83
CBC A1L1X F . 20.73 -5.69 -2.56
CBD A1L1X F . 19.88 -7.88 -3.40
OBE A1L1X F . 19.21 -5.80 -4.48
CAM A1L1X F . 21.18 -6.14 -6.06
CAJ A1L1X F . 22.22 -6.20 -6.99
CAF A1L1X F . 21.95 -5.80 -8.32
CAE A1L1X F . 20.88 -6.36 -9.02
NAD A1L1X F . 20.64 -5.96 -10.35
CAL A1L1X F . 19.50 -6.55 -11.11
CAC A1L1X F . 21.44 -5.04 -10.92
OAK A1L1X F . 21.20 -4.71 -12.08
CAB A1L1X F . 22.47 -4.50 -10.24
CAI A1L1X F . 23.41 -3.58 -10.56
CAA A1L1X F . 22.70 -4.89 -8.96
OAG A1L1X F . 23.75 -4.21 -8.53
CAH A1L1X F . 24.19 -3.40 -9.49
CBF A1L1X F . 25.29 -2.65 -9.26
NBG A1L1X F . 25.39 -1.81 -8.23
CBH A1L1X F . 26.62 -1.31 -8.25
CBK A1L1X F . 27.14 -0.28 -7.25
CBL A1L1X F . 27.34 -0.96 -5.88
NBI A1L1X F . 27.32 -1.86 -9.25
CBJ A1L1X F . 26.49 -2.71 -9.86
CBM A1L1X F . 26.90 -3.60 -11.08
OBN A1L1X F . 28.05 -4.45 -10.75
CBO A1L1X F . 27.87 -5.87 -10.60
#